data_5E8Y
#
_entry.id   5E8Y
#
_cell.length_a   64.900
_cell.length_b   75.970
_cell.length_c   74.980
_cell.angle_alpha   90.000
_cell.angle_beta   90.000
_cell.angle_gamma   90.000
#
_symmetry.space_group_name_H-M   'P 21 21 21'
#
loop_
_entity.id
_entity.type
_entity.pdbx_description
1 polymer 'TGF-beta receptor type-2'
2 non-polymer STAUROSPORINE
3 water water
#
_entity_poly.entity_id   1
_entity_poly.type   'polypeptide(L)'
_entity_poly.pdbx_seq_one_letter_code
;GHMHNTELLPIELDTLVGKGRFAEVYKAKLKQNTSEQFETVAVKIFPYEEYASWKTEKDIFSDINLKHENILQFLTAEER
KTELGKQYWLITAFHAKGNLQEYLTRHVISWEDLRKLGSSLARGIAHLHSDHTPCGRPKMPIVHRDLKSSNILVKNDLTC
CLCDFGLSLRLDPTLSVDDLANSGQVGTARYMAPEVLASAMNLENVESFKQTDVYSMALVLWEMTSRCNAVGEVKDYEPP
FGSKVREHPCVASMADNVLADAGRPEIPSFWLNHQGIQMVCETLTECWDHDPEARLTAQCVAERFSELEHLDRLSG
;
_entity_poly.pdbx_strand_id   A
#
loop_
_chem_comp.id
_chem_comp.type
_chem_comp.name
_chem_comp.formula
STU non-polymer STAUROSPORINE 'C28 H26 N4 O3'
#
# COMPACT_ATOMS: atom_id res chain seq x y z
N GLU A 7 -30.95 5.40 11.36
CA GLU A 7 -30.15 4.45 10.56
C GLU A 7 -28.65 4.80 10.55
N LEU A 8 -28.30 6.10 10.67
CA LEU A 8 -26.91 6.56 10.69
C LEU A 8 -26.27 6.39 12.08
N LEU A 9 -24.98 6.01 12.11
CA LEU A 9 -24.21 5.83 13.35
C LEU A 9 -24.02 7.17 14.09
N PRO A 10 -24.06 7.21 15.45
CA PRO A 10 -23.85 8.50 16.14
C PRO A 10 -22.36 8.84 16.13
N ILE A 11 -21.97 9.64 15.14
CA ILE A 11 -20.58 10.02 14.90
C ILE A 11 -20.39 11.50 15.00
N GLU A 12 -19.30 11.92 15.69
CA GLU A 12 -18.89 13.32 15.76
C GLU A 12 -17.49 13.40 15.14
N LEU A 13 -17.33 14.22 14.09
CA LEU A 13 -16.04 14.37 13.43
C LEU A 13 -15.15 15.24 14.30
N ASP A 14 -13.86 14.88 14.44
CA ASP A 14 -12.98 15.63 15.32
C ASP A 14 -11.94 16.44 14.60
N THR A 15 -11.06 15.75 13.86
CA THR A 15 -9.87 16.35 13.22
C THR A 15 -9.66 15.77 11.83
N LEU A 16 -9.35 16.65 10.87
CA LEU A 16 -8.98 16.27 9.51
C LEU A 16 -7.57 15.69 9.66
N VAL A 17 -7.39 14.40 9.33
CA VAL A 17 -6.07 13.79 9.47
C VAL A 17 -5.39 13.51 8.13
N GLY A 18 -6.17 13.53 7.05
CA GLY A 18 -5.64 13.25 5.72
C GLY A 18 -6.54 13.66 4.59
N LYS A 19 -5.95 13.82 3.40
CA LYS A 19 -6.63 14.20 2.17
C LYS A 19 -5.98 13.40 1.02
N GLY A 20 -6.72 12.44 0.47
CA GLY A 20 -6.30 11.61 -0.65
C GLY A 20 -6.74 12.23 -1.96
N ARG A 21 -6.64 11.48 -3.07
CA ARG A 21 -7.06 12.01 -4.37
C ARG A 21 -8.58 12.07 -4.44
N PHE A 22 -9.27 11.15 -3.75
CA PHE A 22 -10.72 11.06 -3.80
C PHE A 22 -11.46 11.48 -2.55
N ALA A 23 -10.81 11.46 -1.38
CA ALA A 23 -11.53 11.69 -0.13
C ALA A 23 -10.69 12.33 0.95
N GLU A 24 -11.36 12.86 1.97
CA GLU A 24 -10.74 13.38 3.19
C GLU A 24 -10.93 12.33 4.29
N VAL A 25 -9.99 12.28 5.23
CA VAL A 25 -10.06 11.34 6.35
C VAL A 25 -10.08 12.12 7.65
N TYR A 26 -11.03 11.81 8.51
CA TYR A 26 -11.20 12.45 9.79
C TYR A 26 -11.10 11.45 10.90
N LYS A 27 -10.42 11.83 11.99
CA LYS A 27 -10.43 11.11 13.25
C LYS A 27 -11.84 11.46 13.76
N ALA A 28 -12.60 10.49 14.27
CA ALA A 28 -13.95 10.76 14.73
C ALA A 28 -14.32 9.99 15.98
N LYS A 29 -15.41 10.38 16.64
CA LYS A 29 -15.93 9.69 17.83
C LYS A 29 -17.22 9.00 17.49
N LEU A 30 -17.27 7.71 17.72
CA LEU A 30 -18.46 6.88 17.55
C LEU A 30 -19.09 6.67 18.94
N LYS A 31 -20.28 7.25 19.16
CA LYS A 31 -21.01 7.16 20.42
C LYS A 31 -21.50 5.75 20.65
N GLN A 32 -21.08 5.14 21.77
CA GLN A 32 -21.41 3.77 22.16
C GLN A 32 -22.06 3.75 23.54
N GLN A 37 -19.76 6.81 26.87
CA GLN A 37 -18.64 6.08 26.27
C GLN A 37 -18.59 6.26 24.74
N PHE A 38 -17.36 6.32 24.20
CA PHE A 38 -17.13 6.48 22.76
C PHE A 38 -15.95 5.66 22.26
N GLU A 39 -15.98 5.25 20.98
CA GLU A 39 -14.87 4.58 20.31
C GLU A 39 -14.30 5.59 19.30
N THR A 40 -12.97 5.59 19.10
CA THR A 40 -12.31 6.46 18.12
C THR A 40 -12.29 5.68 16.82
N VAL A 41 -12.80 6.29 15.75
CA VAL A 41 -12.84 5.66 14.43
C VAL A 41 -12.30 6.65 13.39
N ALA A 42 -12.06 6.19 12.17
CA ALA A 42 -11.64 7.04 11.07
C ALA A 42 -12.84 7.11 10.12
N VAL A 43 -13.13 8.30 9.62
CA VAL A 43 -14.21 8.49 8.66
C VAL A 43 -13.60 9.02 7.38
N LYS A 44 -13.78 8.25 6.29
CA LYS A 44 -13.30 8.61 4.95
C LYS A 44 -14.52 9.22 4.21
N ILE A 45 -14.43 10.49 3.79
CA ILE A 45 -15.54 11.23 3.20
C ILE A 45 -15.29 11.57 1.73
N PHE A 46 -16.14 11.02 0.87
CA PHE A 46 -16.08 11.21 -0.56
C PHE A 46 -17.15 12.20 -0.99
N PRO A 47 -16.84 13.20 -1.84
CA PRO A 47 -17.91 14.05 -2.37
C PRO A 47 -18.69 13.22 -3.42
N TYR A 48 -19.90 13.66 -3.80
CA TYR A 48 -20.71 12.98 -4.82
C TYR A 48 -19.86 12.62 -6.07
N GLU A 49 -19.02 13.56 -6.54
CA GLU A 49 -18.16 13.45 -7.72
C GLU A 49 -17.25 12.21 -7.68
N GLU A 50 -16.86 11.73 -6.47
CA GLU A 50 -16.00 10.55 -6.32
C GLU A 50 -16.77 9.32 -5.89
N TYR A 51 -18.11 9.30 -6.16
CA TYR A 51 -18.98 8.15 -5.88
C TYR A 51 -18.37 6.81 -6.33
N ALA A 52 -17.74 6.76 -7.53
CA ALA A 52 -17.18 5.53 -8.12
C ALA A 52 -16.05 4.97 -7.25
N SER A 53 -15.19 5.84 -6.71
CA SER A 53 -14.10 5.41 -5.82
C SER A 53 -14.65 4.90 -4.49
N TRP A 54 -15.72 5.55 -3.99
CA TRP A 54 -16.41 5.13 -2.77
C TRP A 54 -17.01 3.73 -2.99
N LYS A 55 -17.68 3.50 -4.14
CA LYS A 55 -18.28 2.18 -4.46
C LYS A 55 -17.23 1.09 -4.57
N THR A 56 -16.10 1.36 -5.23
CA THR A 56 -14.96 0.45 -5.39
C THR A 56 -14.42 -0.04 -4.03
N GLU A 57 -14.14 0.90 -3.11
CA GLU A 57 -13.63 0.60 -1.78
C GLU A 57 -14.65 -0.14 -0.94
N LYS A 58 -15.93 0.29 -0.99
CA LYS A 58 -17.05 -0.32 -0.27
C LYS A 58 -17.20 -1.78 -0.68
N ASP A 59 -17.10 -2.07 -2.00
CA ASP A 59 -17.22 -3.41 -2.55
C ASP A 59 -16.04 -4.28 -2.13
N ILE A 60 -14.84 -3.70 -2.07
CA ILE A 60 -13.65 -4.42 -1.62
C ILE A 60 -13.77 -4.74 -0.13
N PHE A 61 -14.05 -3.71 0.71
CA PHE A 61 -14.21 -3.83 2.15
C PHE A 61 -15.40 -4.68 2.58
N SER A 62 -16.43 -4.80 1.73
CA SER A 62 -17.65 -5.55 2.02
C SER A 62 -17.50 -7.06 1.90
N ASP A 63 -16.46 -7.51 1.20
CA ASP A 63 -16.14 -8.90 0.98
C ASP A 63 -15.68 -9.51 2.31
N ILE A 64 -16.46 -10.48 2.83
CA ILE A 64 -16.14 -11.20 4.07
C ILE A 64 -14.77 -11.90 3.99
N ASN A 65 -14.30 -12.27 2.78
CA ASN A 65 -13.00 -12.96 2.58
C ASN A 65 -11.78 -12.06 2.72
N LEU A 66 -11.95 -10.72 2.68
CA LEU A 66 -10.86 -9.75 2.78
C LEU A 66 -10.23 -9.68 4.18
N LYS A 67 -11.07 -9.83 5.23
CA LYS A 67 -10.75 -9.82 6.66
C LYS A 67 -9.39 -10.48 6.95
N HIS A 68 -8.47 -9.67 7.50
CA HIS A 68 -7.10 -10.05 7.80
C HIS A 68 -6.53 -9.01 8.75
N GLU A 69 -5.60 -9.42 9.62
CA GLU A 69 -4.96 -8.52 10.60
C GLU A 69 -4.14 -7.40 9.94
N ASN A 70 -3.67 -7.59 8.68
CA ASN A 70 -2.88 -6.54 8.04
C ASN A 70 -3.68 -5.77 6.99
N ILE A 71 -5.03 -5.84 7.07
CA ILE A 71 -5.94 -5.09 6.20
C ILE A 71 -6.84 -4.26 7.10
N LEU A 72 -6.99 -2.95 6.82
CA LEU A 72 -7.77 -2.05 7.66
C LEU A 72 -9.16 -2.60 7.95
N GLN A 73 -9.56 -2.59 9.24
CA GLN A 73 -10.87 -3.08 9.69
C GLN A 73 -12.01 -2.13 9.25
N PHE A 74 -12.96 -2.67 8.49
CA PHE A 74 -14.10 -1.90 7.98
C PHE A 74 -15.30 -2.02 8.90
N LEU A 75 -15.96 -0.90 9.18
CA LEU A 75 -17.15 -0.94 10.01
C LEU A 75 -18.42 -0.88 9.11
N THR A 76 -18.61 0.22 8.35
CA THR A 76 -19.79 0.43 7.50
C THR A 76 -19.56 1.55 6.50
N ALA A 77 -20.42 1.61 5.47
CA ALA A 77 -20.46 2.66 4.46
C ALA A 77 -21.80 3.36 4.62
N GLU A 78 -21.81 4.68 4.50
CA GLU A 78 -23.01 5.47 4.70
C GLU A 78 -23.17 6.56 3.64
N GLU A 79 -24.42 6.96 3.41
CA GLU A 79 -24.77 8.07 2.49
C GLU A 79 -25.28 9.15 3.37
N ARG A 80 -24.68 10.34 3.30
CA ARG A 80 -25.06 11.42 4.21
C ARG A 80 -25.44 12.69 3.51
N LYS A 81 -26.72 13.05 3.62
CA LYS A 81 -27.25 14.30 3.09
C LYS A 81 -26.73 15.45 3.95
N THR A 82 -26.20 16.50 3.30
CA THR A 82 -25.72 17.74 3.94
C THR A 82 -26.70 18.86 3.55
N GLU A 83 -26.35 20.13 3.82
CA GLU A 83 -27.24 21.24 3.43
C GLU A 83 -27.11 21.53 1.93
N LEU A 84 -25.85 21.58 1.43
CA LEU A 84 -25.55 21.88 0.03
C LEU A 84 -25.25 20.63 -0.84
N GLY A 85 -25.78 19.46 -0.44
CA GLY A 85 -25.60 18.23 -1.19
C GLY A 85 -25.59 16.94 -0.39
N LYS A 86 -24.72 16.00 -0.80
CA LYS A 86 -24.58 14.66 -0.19
C LYS A 86 -23.10 14.21 -0.20
N GLN A 87 -22.73 13.46 0.85
CA GLN A 87 -21.41 12.86 1.07
C GLN A 87 -21.56 11.37 1.18
N TYR A 88 -20.50 10.65 0.83
CA TYR A 88 -20.42 9.19 0.90
C TYR A 88 -19.28 8.84 1.86
N TRP A 89 -19.63 8.18 2.94
CA TRP A 89 -18.72 7.84 4.05
C TRP A 89 -18.33 6.37 4.09
N LEU A 90 -17.08 6.09 4.52
CA LEU A 90 -16.54 4.77 4.83
C LEU A 90 -16.00 4.90 6.23
N ILE A 91 -16.51 4.07 7.15
CA ILE A 91 -16.13 4.14 8.56
C ILE A 91 -15.27 2.95 8.89
N THR A 92 -14.06 3.22 9.36
CA THR A 92 -13.09 2.16 9.58
C THR A 92 -12.42 2.29 10.94
N ALA A 93 -11.57 1.33 11.30
CA ALA A 93 -10.78 1.47 12.53
C ALA A 93 -9.82 2.68 12.36
N PHE A 94 -9.42 3.28 13.49
CA PHE A 94 -8.47 4.39 13.53
C PHE A 94 -7.13 3.87 14.08
N HIS A 95 -6.03 4.16 13.40
CA HIS A 95 -4.66 3.80 13.82
C HIS A 95 -3.92 5.09 14.10
N ALA A 96 -3.90 5.49 15.40
CA ALA A 96 -3.33 6.75 15.89
C ALA A 96 -1.90 7.04 15.44
N LYS A 97 -1.04 6.02 15.21
CA LYS A 97 0.34 6.23 14.74
C LYS A 97 0.43 6.79 13.31
N GLY A 98 -0.65 6.66 12.55
CA GLY A 98 -0.72 7.23 11.21
C GLY A 98 -0.03 6.41 10.15
N ASN A 99 0.30 7.06 9.02
CA ASN A 99 0.90 6.38 7.88
C ASN A 99 2.37 6.08 8.10
N LEU A 100 2.87 5.11 7.36
CA LEU A 100 4.24 4.64 7.48
C LEU A 100 5.26 5.68 7.02
N GLN A 101 4.91 6.50 6.01
CA GLN A 101 5.86 7.51 5.54
C GLN A 101 6.20 8.54 6.63
N GLU A 102 5.21 9.05 7.34
CA GLU A 102 5.42 9.98 8.44
C GLU A 102 6.10 9.30 9.62
N TYR A 103 5.76 8.03 9.86
CA TYR A 103 6.35 7.28 10.95
C TYR A 103 7.87 7.15 10.73
N LEU A 104 8.27 6.77 9.53
CA LEU A 104 9.65 6.63 9.12
C LEU A 104 10.38 7.97 9.06
N THR A 105 9.68 9.05 8.71
CA THR A 105 10.28 10.38 8.70
C THR A 105 10.73 10.79 10.15
N ARG A 106 9.82 10.57 11.13
CA ARG A 106 9.96 10.91 12.55
C ARG A 106 10.79 9.93 13.37
N HIS A 107 10.78 8.64 13.03
CA HIS A 107 11.47 7.64 13.85
C HIS A 107 12.54 6.84 13.16
N VAL A 108 13.57 6.48 13.94
CA VAL A 108 14.61 5.56 13.51
C VAL A 108 14.09 4.26 14.14
N ILE A 109 14.05 3.17 13.37
CA ILE A 109 13.46 1.91 13.88
C ILE A 109 14.53 0.86 14.20
N SER A 110 14.16 -0.13 14.99
CA SER A 110 15.07 -1.21 15.36
C SER A 110 14.91 -2.36 14.36
N TRP A 111 15.76 -3.40 14.50
CA TRP A 111 15.71 -4.60 13.68
C TRP A 111 14.39 -5.37 13.92
N GLU A 112 13.96 -5.44 15.19
CA GLU A 112 12.70 -6.08 15.58
C GLU A 112 11.51 -5.37 14.90
N ASP A 113 11.52 -4.01 14.88
CA ASP A 113 10.49 -3.17 14.26
C ASP A 113 10.44 -3.43 12.75
N LEU A 114 11.62 -3.43 12.07
CA LEU A 114 11.76 -3.70 10.63
C LEU A 114 11.19 -5.07 10.28
N ARG A 115 11.59 -6.09 11.04
CA ARG A 115 11.14 -7.46 10.88
C ARG A 115 9.59 -7.54 11.01
N LYS A 116 8.99 -6.80 11.97
CA LYS A 116 7.54 -6.78 12.21
C LYS A 116 6.76 -6.04 11.10
N LEU A 117 7.26 -4.85 10.71
CA LEU A 117 6.69 -4.03 9.65
C LEU A 117 6.82 -4.71 8.28
N GLY A 118 8.01 -5.22 7.96
CA GLY A 118 8.32 -5.89 6.70
C GLY A 118 7.53 -7.17 6.49
N SER A 119 7.50 -8.04 7.52
CA SER A 119 6.74 -9.30 7.42
C SER A 119 5.23 -9.02 7.30
N SER A 120 4.68 -8.08 8.09
CA SER A 120 3.25 -7.75 8.06
C SER A 120 2.82 -7.12 6.74
N LEU A 121 3.68 -6.30 6.13
CA LEU A 121 3.41 -5.75 4.81
C LEU A 121 3.32 -6.89 3.77
N ALA A 122 4.32 -7.79 3.74
CA ALA A 122 4.36 -8.94 2.80
C ALA A 122 3.17 -9.85 3.00
N ARG A 123 2.77 -10.08 4.26
CA ARG A 123 1.62 -10.93 4.57
C ARG A 123 0.32 -10.30 4.11
N GLY A 124 0.17 -8.99 4.31
CA GLY A 124 -1.02 -8.26 3.88
C GLY A 124 -1.16 -8.30 2.37
N ILE A 125 -0.04 -8.10 1.65
CA ILE A 125 -0.03 -8.14 0.17
C ILE A 125 -0.25 -9.57 -0.36
N ALA A 126 0.44 -10.59 0.22
CA ALA A 126 0.23 -12.00 -0.17
C ALA A 126 -1.24 -12.35 0.02
N HIS A 127 -1.85 -11.89 1.12
CA HIS A 127 -3.28 -12.13 1.37
C HIS A 127 -4.17 -11.48 0.30
N LEU A 128 -3.94 -10.18 -0.03
CA LEU A 128 -4.71 -9.48 -1.07
C LEU A 128 -4.67 -10.28 -2.39
N HIS A 129 -3.48 -10.71 -2.79
CA HIS A 129 -3.23 -11.42 -4.05
C HIS A 129 -3.77 -12.87 -4.11
N SER A 130 -3.96 -13.47 -2.96
CA SER A 130 -4.34 -14.87 -2.91
C SER A 130 -5.73 -15.16 -3.44
N ASP A 131 -5.89 -16.35 -4.06
CA ASP A 131 -7.18 -16.85 -4.52
C ASP A 131 -7.87 -17.68 -3.39
N HIS A 132 -7.28 -17.67 -2.18
CA HIS A 132 -7.89 -18.33 -1.03
C HIS A 132 -7.63 -17.55 0.25
N THR A 133 -8.53 -17.71 1.24
CA THR A 133 -8.39 -17.10 2.58
C THR A 133 -7.31 -17.90 3.35
N PRO A 134 -6.77 -17.43 4.51
CA PRO A 134 -5.77 -18.25 5.22
C PRO A 134 -6.26 -19.66 5.60
N CYS A 135 -7.61 -19.89 5.67
CA CYS A 135 -8.24 -21.18 6.00
C CYS A 135 -8.59 -22.05 4.75
N GLY A 136 -8.26 -21.59 3.55
CA GLY A 136 -8.48 -22.33 2.30
C GLY A 136 -9.77 -22.08 1.55
N ARG A 137 -10.61 -21.13 2.01
CA ARG A 137 -11.85 -20.79 1.30
C ARG A 137 -11.52 -19.97 0.03
N PRO A 138 -12.14 -20.27 -1.14
CA PRO A 138 -11.87 -19.48 -2.35
C PRO A 138 -12.16 -18.00 -2.15
N LYS A 139 -11.34 -17.16 -2.73
CA LYS A 139 -11.54 -15.72 -2.59
C LYS A 139 -11.07 -14.95 -3.82
N MET A 140 -11.67 -13.80 -4.01
CA MET A 140 -11.35 -12.92 -5.12
C MET A 140 -9.93 -12.31 -4.93
N PRO A 141 -8.94 -12.61 -5.82
CA PRO A 141 -7.64 -11.92 -5.73
C PRO A 141 -7.84 -10.43 -6.01
N ILE A 142 -7.09 -9.59 -5.31
CA ILE A 142 -7.14 -8.13 -5.44
C ILE A 142 -5.72 -7.61 -5.67
N VAL A 143 -5.58 -6.63 -6.58
CA VAL A 143 -4.28 -5.99 -6.79
C VAL A 143 -4.44 -4.55 -6.26
N HIS A 144 -3.55 -4.13 -5.34
CA HIS A 144 -3.63 -2.82 -4.69
C HIS A 144 -3.53 -1.65 -5.69
N ARG A 145 -2.48 -1.65 -6.53
CA ARG A 145 -2.20 -0.71 -7.63
C ARG A 145 -1.67 0.69 -7.22
N ASP A 146 -1.63 1.03 -5.92
CA ASP A 146 -1.05 2.32 -5.55
C ASP A 146 -0.35 2.11 -4.25
N LEU A 147 0.49 1.08 -4.19
CA LEU A 147 1.19 0.76 -2.97
C LEU A 147 2.35 1.73 -2.76
N LYS A 148 2.41 2.35 -1.57
CA LYS A 148 3.45 3.31 -1.19
C LYS A 148 3.46 3.49 0.33
N SER A 149 4.55 4.02 0.89
CA SER A 149 4.64 4.21 2.35
C SER A 149 3.58 5.15 2.92
N SER A 150 3.16 6.17 2.15
CA SER A 150 2.15 7.13 2.60
C SER A 150 0.75 6.55 2.71
N ASN A 151 0.54 5.33 2.16
CA ASN A 151 -0.72 4.57 2.08
C ASN A 151 -0.81 3.42 3.02
N ILE A 152 0.21 3.22 3.82
CA ILE A 152 0.26 2.08 4.72
C ILE A 152 0.13 2.63 6.12
N LEU A 153 -0.76 2.04 6.93
CA LEU A 153 -0.92 2.52 8.31
C LEU A 153 -0.06 1.74 9.27
N VAL A 154 0.37 2.38 10.36
CA VAL A 154 1.17 1.71 11.38
C VAL A 154 0.23 1.46 12.56
N LYS A 155 0.04 0.18 12.93
CA LYS A 155 -0.81 -0.20 14.05
C LYS A 155 -0.03 -0.01 15.36
N ASN A 156 -0.74 0.00 16.51
CA ASN A 156 -0.11 0.19 17.82
C ASN A 156 0.99 -0.83 18.14
N ASP A 157 0.85 -2.07 17.64
CA ASP A 157 1.86 -3.11 17.87
C ASP A 157 2.99 -3.07 16.82
N LEU A 158 3.09 -1.98 16.03
CA LEU A 158 4.12 -1.77 15.01
C LEU A 158 4.12 -2.80 13.87
N THR A 159 2.91 -3.10 13.37
CA THR A 159 2.72 -3.92 12.22
C THR A 159 1.96 -3.07 11.22
N CYS A 160 2.10 -3.39 9.95
CA CYS A 160 1.50 -2.68 8.83
C CYS A 160 0.04 -3.01 8.68
N CYS A 161 -0.67 -2.08 8.08
CA CYS A 161 -2.07 -2.18 7.81
C CYS A 161 -2.38 -1.50 6.45
N LEU A 162 -2.80 -2.28 5.42
CA LEU A 162 -3.15 -1.74 4.08
C LEU A 162 -4.52 -1.10 4.14
N CYS A 163 -4.75 0.01 3.41
CA CYS A 163 -6.04 0.69 3.59
C CYS A 163 -6.67 1.39 2.42
N ASP A 164 -5.88 1.89 1.47
CA ASP A 164 -6.37 2.81 0.43
C ASP A 164 -6.69 2.06 -0.88
N PHE A 165 -7.92 1.57 -1.01
CA PHE A 165 -8.31 0.72 -2.13
C PHE A 165 -9.05 1.42 -3.29
N GLY A 166 -8.95 2.74 -3.42
CA GLY A 166 -9.62 3.49 -4.49
C GLY A 166 -9.17 3.16 -5.90
N LEU A 167 -7.90 2.72 -6.07
CA LEU A 167 -7.36 2.36 -7.39
C LEU A 167 -7.19 0.86 -7.54
N SER A 168 -7.62 0.10 -6.53
CA SER A 168 -7.47 -1.34 -6.49
C SER A 168 -8.36 -2.07 -7.49
N LEU A 169 -7.88 -3.21 -7.95
CA LEU A 169 -8.58 -4.01 -8.94
C LEU A 169 -8.81 -5.43 -8.46
N ARG A 170 -10.08 -5.81 -8.34
CA ARG A 170 -10.52 -7.17 -8.04
C ARG A 170 -10.29 -7.90 -9.34
N LEU A 171 -9.51 -8.98 -9.32
CA LEU A 171 -9.19 -9.70 -10.55
C LEU A 171 -10.39 -10.61 -10.93
N ASP A 172 -11.50 -9.97 -11.33
CA ASP A 172 -12.74 -10.66 -11.67
C ASP A 172 -12.58 -11.43 -12.97
N PRO A 173 -12.96 -12.73 -13.05
CA PRO A 173 -12.87 -13.45 -14.36
C PRO A 173 -13.56 -12.78 -15.54
N THR A 174 -14.58 -11.93 -15.28
CA THR A 174 -15.29 -11.22 -16.37
C THR A 174 -14.48 -10.04 -16.95
N LEU A 175 -13.28 -9.73 -16.39
CA LEU A 175 -12.43 -8.62 -16.86
C LEU A 175 -11.99 -8.84 -18.31
N SER A 176 -12.26 -7.85 -19.18
CA SER A 176 -11.88 -7.90 -20.60
C SER A 176 -10.46 -7.30 -20.79
N VAL A 177 -9.78 -7.65 -21.91
CA VAL A 177 -8.46 -7.11 -22.25
C VAL A 177 -8.58 -5.60 -22.47
N ASP A 178 -9.71 -5.18 -23.09
CA ASP A 178 -10.03 -3.76 -23.34
C ASP A 178 -10.38 -3.06 -22.02
N ASP A 179 -10.95 -3.81 -21.05
CA ASP A 179 -11.33 -3.29 -19.72
C ASP A 179 -10.07 -3.06 -18.88
N LEU A 180 -9.08 -3.98 -18.97
CA LEU A 180 -7.81 -3.93 -18.24
C LEU A 180 -6.93 -2.76 -18.70
N ALA A 181 -7.04 -2.37 -19.99
CA ALA A 181 -6.30 -1.25 -20.59
C ALA A 181 -7.06 0.08 -20.44
N ASN A 182 -8.37 0.01 -20.11
CA ASN A 182 -9.24 1.18 -19.94
C ASN A 182 -8.79 2.07 -18.77
N SER A 183 -8.18 1.45 -17.73
CA SER A 183 -7.68 2.14 -16.53
C SER A 183 -6.48 3.07 -16.82
N GLY A 184 -5.63 2.68 -17.77
CA GLY A 184 -4.43 3.42 -18.16
C GLY A 184 -3.33 3.34 -17.13
N GLN A 185 -2.46 4.38 -17.07
CA GLN A 185 -1.36 4.48 -16.10
C GLN A 185 -1.93 5.05 -14.80
N VAL A 186 -2.37 4.15 -13.91
CA VAL A 186 -2.95 4.52 -12.63
C VAL A 186 -1.91 4.33 -11.53
N GLY A 187 -1.93 5.26 -10.57
CA GLY A 187 -1.06 5.23 -9.42
C GLY A 187 -0.14 6.42 -9.30
N THR A 188 0.89 6.28 -8.43
CA THR A 188 1.90 7.30 -8.16
C THR A 188 3.14 6.94 -8.97
N ALA A 189 3.55 7.84 -9.85
CA ALA A 189 4.68 7.65 -10.75
C ALA A 189 5.97 7.19 -10.05
N ARG A 190 6.27 7.73 -8.83
CA ARG A 190 7.49 7.38 -8.08
C ARG A 190 7.59 5.88 -7.77
N TYR A 191 6.44 5.24 -7.51
CA TYR A 191 6.37 3.83 -7.13
C TYR A 191 6.00 2.88 -8.26
N MET A 192 5.79 3.42 -9.48
CA MET A 192 5.41 2.65 -10.66
C MET A 192 6.55 1.76 -11.14
N ALA A 193 6.22 0.45 -11.37
CA ALA A 193 7.16 -0.55 -11.86
C ALA A 193 7.68 -0.15 -13.27
N PRO A 194 8.88 -0.60 -13.69
CA PRO A 194 9.38 -0.22 -15.02
C PRO A 194 8.45 -0.57 -16.19
N GLU A 195 7.70 -1.71 -16.13
CA GLU A 195 6.75 -2.13 -17.19
C GLU A 195 5.51 -1.23 -17.21
N VAL A 196 5.17 -0.64 -16.04
CA VAL A 196 4.07 0.29 -15.93
C VAL A 196 4.55 1.60 -16.56
N LEU A 197 5.74 2.07 -16.20
CA LEU A 197 6.30 3.32 -16.76
C LEU A 197 6.47 3.24 -18.29
N ALA A 198 6.78 2.05 -18.80
CA ALA A 198 7.00 1.77 -20.22
C ALA A 198 5.74 1.56 -21.00
N SER A 199 4.57 1.35 -20.34
CA SER A 199 3.27 0.94 -20.96
C SER A 199 3.51 -0.40 -21.65
N ALA A 200 4.24 -1.29 -20.97
CA ALA A 200 4.62 -2.59 -21.49
C ALA A 200 4.00 -3.74 -20.70
N MET A 201 2.89 -3.46 -20.00
CA MET A 201 2.24 -4.47 -19.18
C MET A 201 1.61 -5.59 -19.99
N ASN A 202 1.97 -6.84 -19.66
CA ASN A 202 1.46 -8.02 -20.35
C ASN A 202 0.02 -8.22 -19.95
N LEU A 203 -0.88 -7.66 -20.75
CA LEU A 203 -2.31 -7.69 -20.50
C LEU A 203 -2.97 -9.05 -20.77
N GLU A 204 -2.25 -9.98 -21.46
CA GLU A 204 -2.76 -11.33 -21.76
C GLU A 204 -2.92 -12.15 -20.46
N ASN A 205 -2.28 -11.68 -19.37
CA ASN A 205 -2.35 -12.32 -18.08
C ASN A 205 -2.42 -11.33 -16.94
N VAL A 206 -3.53 -11.39 -16.16
CA VAL A 206 -3.71 -10.64 -14.92
C VAL A 206 -2.83 -11.46 -13.99
N GLU A 207 -2.05 -10.82 -13.12
CA GLU A 207 -1.02 -11.42 -12.24
C GLU A 207 0.27 -10.70 -12.65
N SER A 208 0.25 -10.14 -13.89
CA SER A 208 1.27 -9.21 -14.33
C SER A 208 1.00 -7.99 -13.40
N PHE A 209 -0.29 -7.78 -12.97
CA PHE A 209 -0.70 -6.76 -12.01
C PHE A 209 -0.14 -7.06 -10.62
N LYS A 210 -0.09 -8.35 -10.22
CA LYS A 210 0.47 -8.74 -8.94
C LYS A 210 1.95 -8.39 -8.85
N GLN A 211 2.68 -8.57 -9.96
CA GLN A 211 4.13 -8.27 -10.04
C GLN A 211 4.43 -6.76 -9.89
N THR A 212 3.48 -5.88 -10.25
CA THR A 212 3.62 -4.42 -10.12
C THR A 212 3.51 -4.03 -8.66
N ASP A 213 2.62 -4.73 -7.90
CA ASP A 213 2.46 -4.53 -6.45
C ASP A 213 3.76 -4.96 -5.76
N VAL A 214 4.38 -6.10 -6.21
CA VAL A 214 5.62 -6.61 -5.60
C VAL A 214 6.77 -5.61 -5.77
N TYR A 215 6.87 -4.97 -6.94
CA TYR A 215 7.88 -3.92 -7.18
C TYR A 215 7.70 -2.74 -6.21
N SER A 216 6.45 -2.20 -6.08
CA SER A 216 6.14 -1.08 -5.17
C SER A 216 6.43 -1.48 -3.75
N MET A 217 6.08 -2.72 -3.35
CA MET A 217 6.41 -3.25 -2.02
C MET A 217 7.93 -3.25 -1.75
N ALA A 218 8.74 -3.66 -2.74
CA ALA A 218 10.23 -3.64 -2.66
C ALA A 218 10.77 -2.21 -2.32
N LEU A 219 10.15 -1.13 -2.88
CA LEU A 219 10.56 0.25 -2.58
C LEU A 219 10.20 0.61 -1.14
N VAL A 220 9.04 0.13 -0.67
CA VAL A 220 8.59 0.34 0.70
C VAL A 220 9.49 -0.37 1.72
N LEU A 221 9.90 -1.62 1.41
CA LEU A 221 10.84 -2.41 2.24
C LEU A 221 12.19 -1.69 2.31
N TRP A 222 12.59 -1.04 1.19
CA TRP A 222 13.80 -0.22 1.15
C TRP A 222 13.67 0.96 2.10
N GLU A 223 12.53 1.70 2.06
CA GLU A 223 12.31 2.86 2.94
C GLU A 223 12.44 2.48 4.42
N MET A 224 11.85 1.33 4.81
CA MET A 224 11.87 0.77 6.15
C MET A 224 13.33 0.44 6.57
N THR A 225 14.05 -0.27 5.69
CA THR A 225 15.45 -0.68 5.89
C THR A 225 16.36 0.55 6.07
N SER A 226 16.15 1.60 5.24
CA SER A 226 16.90 2.85 5.23
C SER A 226 16.84 3.63 6.54
N ARG A 227 15.83 3.34 7.37
CA ARG A 227 15.60 4.01 8.66
C ARG A 227 15.75 3.08 9.85
N CYS A 228 16.32 1.88 9.62
CA CYS A 228 16.60 0.86 10.63
C CYS A 228 18.02 1.02 11.21
N ASN A 229 18.12 1.24 12.54
CA ASN A 229 19.36 1.42 13.31
C ASN A 229 20.35 0.25 13.19
N ALA A 230 19.86 -0.96 12.83
CA ALA A 230 20.65 -2.18 12.63
C ALA A 230 21.77 -2.06 11.57
N VAL A 231 21.67 -1.05 10.68
CA VAL A 231 22.68 -0.80 9.64
C VAL A 231 23.86 -0.04 10.26
N GLY A 232 23.60 0.59 11.40
CA GLY A 232 24.56 1.41 12.13
C GLY A 232 24.20 2.87 11.96
N GLU A 233 24.83 3.52 10.95
CA GLU A 233 24.58 4.93 10.67
C GLU A 233 23.34 5.04 9.78
N VAL A 234 22.38 5.85 10.22
CA VAL A 234 21.10 6.08 9.56
C VAL A 234 21.02 7.51 9.08
N LYS A 235 20.68 7.71 7.80
CA LYS A 235 20.53 9.03 7.20
C LYS A 235 19.08 9.51 7.43
N ASP A 236 18.81 10.79 7.16
CA ASP A 236 17.46 11.35 7.27
C ASP A 236 16.54 10.67 6.23
N TYR A 237 15.25 10.56 6.55
CA TYR A 237 14.34 9.91 5.62
C TYR A 237 14.23 10.69 4.32
N GLU A 238 14.27 9.97 3.20
CA GLU A 238 14.03 10.50 1.86
C GLU A 238 13.16 9.46 1.12
N PRO A 239 12.14 9.88 0.34
CA PRO A 239 11.35 8.87 -0.42
C PRO A 239 12.23 8.17 -1.46
N PRO A 240 11.86 6.97 -2.01
CA PRO A 240 12.71 6.37 -3.07
C PRO A 240 12.95 7.37 -4.22
N PHE A 241 14.21 7.43 -4.76
CA PHE A 241 14.63 8.34 -5.85
C PHE A 241 14.43 9.83 -5.48
N GLY A 242 14.41 10.13 -4.16
CA GLY A 242 14.17 11.46 -3.61
C GLY A 242 14.95 12.62 -4.21
N SER A 243 16.28 12.45 -4.37
CA SER A 243 17.17 13.47 -4.92
C SER A 243 17.29 13.47 -6.48
N LYS A 244 16.81 12.41 -7.16
CA LYS A 244 16.92 12.25 -8.62
C LYS A 244 15.80 12.86 -9.44
N VAL A 245 14.64 13.13 -8.82
CA VAL A 245 13.44 13.63 -9.53
C VAL A 245 12.75 14.77 -8.76
N ARG A 246 11.81 15.48 -9.41
CA ARG A 246 11.04 16.55 -8.76
C ARG A 246 10.03 15.96 -7.72
N GLU A 247 9.51 16.79 -6.79
CA GLU A 247 8.62 16.38 -5.68
C GLU A 247 7.43 15.52 -6.11
N HIS A 248 6.75 15.92 -7.18
CA HIS A 248 5.63 15.17 -7.76
C HIS A 248 6.06 14.78 -9.18
N PRO A 249 6.86 13.69 -9.34
CA PRO A 249 7.41 13.37 -10.65
C PRO A 249 6.41 12.87 -11.67
N CYS A 250 6.65 13.23 -12.93
CA CYS A 250 5.87 12.80 -14.08
C CYS A 250 6.40 11.42 -14.41
N VAL A 251 5.66 10.64 -15.21
CA VAL A 251 6.01 9.30 -15.66
C VAL A 251 7.32 9.31 -16.49
N ALA A 252 7.51 10.36 -17.33
CA ALA A 252 8.70 10.52 -18.18
C ALA A 252 9.98 10.61 -17.35
N SER A 253 10.01 11.46 -16.29
CA SER A 253 11.22 11.57 -15.47
C SER A 253 11.50 10.29 -14.67
N MET A 254 10.43 9.55 -14.29
CA MET A 254 10.57 8.27 -13.60
C MET A 254 11.12 7.20 -14.55
N ALA A 255 10.62 7.19 -15.79
CA ALA A 255 11.07 6.24 -16.82
C ALA A 255 12.55 6.46 -17.15
N ASP A 256 13.03 7.73 -17.16
CA ASP A 256 14.45 8.07 -17.38
C ASP A 256 15.30 7.34 -16.32
N ASN A 257 14.85 7.36 -15.05
CA ASN A 257 15.58 6.71 -13.97
C ASN A 257 15.41 5.20 -13.91
N VAL A 258 14.15 4.73 -13.75
CA VAL A 258 13.83 3.32 -13.50
C VAL A 258 14.06 2.42 -14.73
N LEU A 259 13.67 2.91 -15.89
CA LEU A 259 13.78 2.17 -17.15
C LEU A 259 15.12 2.42 -17.85
N ALA A 260 15.38 3.65 -18.36
CA ALA A 260 16.60 3.98 -19.10
C ALA A 260 17.91 3.92 -18.29
N ASP A 261 17.94 4.45 -17.04
CA ASP A 261 19.15 4.41 -16.23
C ASP A 261 19.26 3.16 -15.34
N ALA A 262 18.26 2.24 -15.40
CA ALA A 262 18.15 1.02 -14.56
C ALA A 262 18.33 1.35 -13.04
N GLY A 263 17.92 2.55 -12.66
CA GLY A 263 18.08 3.12 -11.33
C GLY A 263 17.15 2.54 -10.29
N ARG A 264 17.72 2.21 -9.12
CA ARG A 264 17.00 1.69 -7.96
C ARG A 264 17.53 2.44 -6.73
N PRO A 265 16.76 2.58 -5.62
CA PRO A 265 17.30 3.27 -4.44
C PRO A 265 18.61 2.63 -3.97
N GLU A 266 19.54 3.48 -3.53
CA GLU A 266 20.87 3.04 -3.14
C GLU A 266 20.91 2.19 -1.88
N ILE A 267 21.58 1.04 -1.99
CA ILE A 267 21.85 0.14 -0.89
C ILE A 267 23.40 0.23 -0.60
N PRO A 268 23.83 1.11 0.34
CA PRO A 268 25.26 1.17 0.70
C PRO A 268 25.74 -0.17 1.24
N SER A 269 26.92 -0.61 0.79
CA SER A 269 27.54 -1.90 1.14
C SER A 269 27.66 -2.19 2.63
N PHE A 270 27.86 -1.15 3.46
CA PHE A 270 27.97 -1.28 4.92
C PHE A 270 26.69 -1.84 5.57
N TRP A 271 25.51 -1.66 4.92
CA TRP A 271 24.21 -2.18 5.42
C TRP A 271 24.25 -3.69 5.50
N LEU A 272 24.96 -4.33 4.55
CA LEU A 272 25.06 -5.78 4.44
C LEU A 272 25.94 -6.43 5.53
N ASN A 273 26.57 -5.62 6.42
CA ASN A 273 27.38 -6.10 7.56
C ASN A 273 26.51 -6.85 8.57
N HIS A 274 25.24 -6.41 8.72
CA HIS A 274 24.25 -7.06 9.57
C HIS A 274 23.60 -8.18 8.72
N GLN A 275 23.62 -9.43 9.22
CA GLN A 275 23.08 -10.62 8.55
C GLN A 275 21.56 -10.54 8.25
N GLY A 276 20.81 -9.84 9.09
CA GLY A 276 19.38 -9.65 8.90
C GLY A 276 19.09 -8.67 7.78
N ILE A 277 19.74 -7.48 7.82
CA ILE A 277 19.63 -6.43 6.79
C ILE A 277 20.03 -7.01 5.43
N GLN A 278 21.03 -7.91 5.42
CA GLN A 278 21.54 -8.58 4.23
C GLN A 278 20.46 -9.42 3.56
N MET A 279 19.70 -10.22 4.34
CA MET A 279 18.63 -11.07 3.82
C MET A 279 17.49 -10.20 3.29
N VAL A 280 17.20 -9.09 3.97
CA VAL A 280 16.17 -8.11 3.58
C VAL A 280 16.56 -7.45 2.24
N CYS A 281 17.80 -6.92 2.14
CA CYS A 281 18.30 -6.25 0.95
C CYS A 281 18.35 -7.16 -0.26
N GLU A 282 18.70 -8.45 -0.07
CA GLU A 282 18.73 -9.46 -1.13
C GLU A 282 17.32 -9.79 -1.61
N THR A 283 16.34 -9.81 -0.66
CA THR A 283 14.94 -10.08 -0.97
C THR A 283 14.32 -8.96 -1.79
N LEU A 284 14.45 -7.72 -1.33
CA LEU A 284 13.84 -6.57 -2.00
C LEU A 284 14.49 -6.27 -3.39
N THR A 285 15.76 -6.69 -3.59
CA THR A 285 16.53 -6.57 -4.83
C THR A 285 15.93 -7.49 -5.90
N GLU A 286 15.58 -8.73 -5.53
CA GLU A 286 14.90 -9.64 -6.46
C GLU A 286 13.52 -9.05 -6.81
N CYS A 287 12.85 -8.42 -5.82
CA CYS A 287 11.51 -7.85 -5.96
C CYS A 287 11.42 -6.61 -6.84
N TRP A 288 12.54 -5.90 -7.07
CA TRP A 288 12.47 -4.74 -7.95
C TRP A 288 13.19 -5.04 -9.26
N ASP A 289 13.33 -6.31 -9.62
CA ASP A 289 13.96 -6.66 -10.91
C ASP A 289 13.19 -6.03 -12.07
N HIS A 290 13.91 -5.64 -13.13
CA HIS A 290 13.35 -5.10 -14.37
C HIS A 290 12.31 -6.10 -14.93
N ASP A 291 12.62 -7.40 -14.90
CA ASP A 291 11.74 -8.45 -15.43
C ASP A 291 10.67 -8.84 -14.37
N PRO A 292 9.37 -8.52 -14.59
CA PRO A 292 8.34 -8.86 -13.59
C PRO A 292 8.29 -10.34 -13.22
N GLU A 293 8.60 -11.23 -14.19
CA GLU A 293 8.63 -12.69 -14.00
C GLU A 293 9.79 -13.15 -13.12
N ALA A 294 10.86 -12.36 -13.01
CA ALA A 294 12.01 -12.67 -12.15
C ALA A 294 11.79 -12.25 -10.69
N ARG A 295 10.70 -11.52 -10.41
CA ARG A 295 10.42 -11.06 -9.03
C ARG A 295 9.88 -12.21 -8.19
N LEU A 296 10.09 -12.13 -6.89
CA LEU A 296 9.50 -13.07 -5.94
C LEU A 296 8.01 -12.72 -5.82
N THR A 297 7.20 -13.64 -5.33
CA THR A 297 5.79 -13.30 -5.09
C THR A 297 5.75 -12.69 -3.68
N ALA A 298 4.65 -11.99 -3.31
CA ALA A 298 4.52 -11.47 -1.94
C ALA A 298 4.59 -12.64 -0.93
N GLN A 299 4.00 -13.81 -1.29
CA GLN A 299 4.04 -15.02 -0.48
C GLN A 299 5.50 -15.48 -0.24
N CYS A 300 6.39 -15.44 -1.29
CA CYS A 300 7.82 -15.80 -1.16
C CYS A 300 8.46 -14.89 -0.13
N VAL A 301 8.19 -13.56 -0.22
CA VAL A 301 8.73 -12.54 0.70
C VAL A 301 8.28 -12.80 2.15
N ALA A 302 6.98 -13.09 2.38
CA ALA A 302 6.45 -13.40 3.71
C ALA A 302 7.15 -14.64 4.30
N GLU A 303 7.41 -15.68 3.48
CA GLU A 303 8.10 -16.92 3.88
C GLU A 303 9.52 -16.59 4.33
N ARG A 304 10.22 -15.71 3.58
CA ARG A 304 11.57 -15.27 3.91
C ARG A 304 11.61 -14.54 5.25
N PHE A 305 10.57 -13.74 5.53
CA PHE A 305 10.49 -13.05 6.81
C PHE A 305 10.17 -14.04 7.94
N SER A 306 9.28 -15.04 7.68
CA SER A 306 8.93 -16.07 8.66
C SER A 306 10.13 -16.98 8.98
N GLU A 307 11.13 -17.04 8.08
CA GLU A 307 12.36 -17.77 8.30
C GLU A 307 13.26 -16.96 9.24
N LEU A 308 13.35 -15.62 9.03
CA LEU A 308 14.16 -14.70 9.85
C LEU A 308 13.49 -14.45 11.19
O4 STU B . -4.92 10.22 5.83
C25 STU B . -3.94 10.28 6.89
C24 STU B . -2.49 10.28 6.42
C23 STU B . -2.47 10.13 4.89
C22 STU B . -3.32 8.92 4.51
C21 STU B . -4.83 9.28 4.76
C26 STU B . -5.47 10.00 3.59
N2 STU B . -5.63 8.11 5.18
C18 STU B . -5.81 7.75 6.52
C19 STU B . -5.22 8.25 7.72
C6 STU B . -5.46 7.61 8.96
C7 STU B . -6.33 6.51 8.97
C10 STU B . -6.94 6.05 7.80
C11 STU B . -6.67 6.64 6.58
C12 STU B . -7.04 6.30 5.24
C17 STU B . -6.36 7.19 4.38
C16 STU B . -6.42 7.05 3.01
C15 STU B . -7.15 5.99 2.48
C14 STU B . -7.86 5.14 3.31
C13 STU B . -7.82 5.29 4.69
C9 STU B . -7.85 4.91 8.11
N1 STU B . -7.59 4.71 9.52
C8 STU B . -6.73 5.61 10.06
O5 STU B . -6.40 5.66 11.23
C5 STU B . -4.64 8.32 9.95
C20 STU B . -3.96 9.34 9.25
C1 STU B . -3.09 10.22 9.89
C2 STU B . -2.92 10.09 11.27
C3 STU B . -3.59 9.09 11.99
C4 STU B . -4.45 8.20 11.33
N3 STU B . -4.33 9.31 7.90
O6 STU B . -2.89 7.82 5.34
C27 STU B . -3.02 6.52 4.75
N4 STU B . -1.15 10.06 4.28
C28 STU B . -1.10 10.50 2.88
H25 STU B . -4.19 11.25 7.31
H241 STU B . -1.93 9.52 6.95
H242 STU B . -2.01 11.21 6.70
H23 STU B . -2.97 11.03 4.52
H22 STU B . -3.21 8.71 3.44
H261 STU B . -6.56 9.95 3.58
H262 STU B . -5.24 11.07 3.60
H263 STU B . -5.12 9.65 2.62
H16 STU B . -5.92 7.72 2.30
H15 STU B . -7.13 5.84 1.41
H14 STU B . -8.45 4.33 2.88
H13 STU B . -8.41 4.64 5.33
H91 STU B . -8.89 5.14 7.89
H92 STU B . -7.59 4.04 7.51
HN1 STU B . -8.03 3.96 10.04
H1 STU B . -2.57 11.00 9.36
H2 STU B . -2.24 10.76 11.78
H3 STU B . -3.44 9.02 13.06
H4 STU B . -4.96 7.44 11.91
H271 STU B . -2.00 6.25 4.48
H272 STU B . -3.64 6.50 3.85
H273 STU B . -3.39 5.77 5.45
HN4 STU B . -0.45 10.58 4.81
H281 STU B . -1.05 11.58 2.86
H282 STU B . -0.25 10.12 2.30
H283 STU B . -1.99 10.22 2.33
#